data_7PUS
#
_entry.id   7PUS
#
_cell.length_a   91.671
_cell.length_b   91.671
_cell.length_c   113.810
_cell.angle_alpha   90.000
_cell.angle_beta   90.000
_cell.angle_gamma   90.000
#
_symmetry.space_group_name_H-M   'P 41 21 2'
#
loop_
_entity.id
_entity.type
_entity.pdbx_description
1 polymer 'Mitogen-activated protein kinase 7'
2 non-polymer 4-[3,6-bis(chloranyl)-2-fluoranyl-phenyl]carbonyl-~{N}-(1-methylpyrazol-4-yl)-1~{H}-pyrrole-2-carboxamide
3 water water
#
_entity_poly.entity_id   1
_entity_poly.type   'polypeptide(L)'
_entity_poly.pdbx_seq_one_letter_code
;GDVTFDVGDEYEIIETIGNGAYGVVSSARRRLTGQQVAIKKIPNAFDVVTNAKRTLRELKILKHFKHDNIIAIKDILRPT
VPYGEFKSVYVVLDLMESDLHQIIHSSQPLTLEHVRYFLYQLLRGLKYMHSAQVIHRDLKPSNLLVNENCELKIGDFGMA
RGLCTSPAEHQYFMTEYVATRWYRAPELMLSLHEYTQAIDLWSVGCIFGEMLARRQLFPGKNYVHQLQLIMMVLGTPSPA
VIQAVGAERVRAYIQSLPPRQPVPWETVYPGADRQALSLLGRMLRFEPSARISAAAALRHPFLAKYHDPDDEPDCAPPFD
FAFDREALTRERIKEAIVAEIEDFHARREGIRQQIRFQ
;
_entity_poly.pdbx_strand_id   AAA
#
loop_
_chem_comp.id
_chem_comp.type
_chem_comp.name
_chem_comp.formula
86E non-polymer 4-[3,6-bis(chloranyl)-2-fluoranyl-phenyl]carbonyl-~{N}-(1-methylpyrazol-4-yl)-1~{H}-pyrrole-2-carboxamide 'C16 H11 Cl2 F N4 O2'
#
# COMPACT_ATOMS: atom_id res chain seq x y z
N GLU A 10 0.58 14.62 29.06
CA GLU A 10 0.57 13.12 28.82
C GLU A 10 1.71 12.70 27.87
N TYR A 11 2.05 13.61 26.92
CA TYR A 11 3.11 13.44 25.93
C TYR A 11 4.04 14.66 25.88
N GLU A 12 5.33 14.38 25.71
CA GLU A 12 6.41 15.34 25.60
C GLU A 12 6.92 15.31 24.17
N ILE A 13 6.72 16.43 23.43
CA ILE A 13 7.18 16.57 22.05
C ILE A 13 8.71 16.55 21.99
N ILE A 14 9.27 15.69 21.12
CA ILE A 14 10.70 15.69 20.76
C ILE A 14 10.94 16.62 19.57
N GLU A 15 10.77 16.19 18.32
CA GLU A 15 10.86 17.16 17.23
C GLU A 15 9.85 16.88 16.12
N THR A 16 9.67 17.86 15.21
CA THR A 16 8.80 17.72 14.04
C THR A 16 9.56 17.01 12.93
N ILE A 17 8.82 16.18 12.18
CA ILE A 17 9.39 15.46 11.05
C ILE A 17 8.56 15.56 9.76
N GLY A 18 7.22 15.60 9.85
CA GLY A 18 6.40 15.37 8.66
C GLY A 18 5.48 16.54 8.29
N ASN A 19 5.09 16.52 7.00
CA ASN A 19 4.29 17.48 6.24
C ASN A 19 4.34 16.98 4.79
N GLY A 20 3.22 17.01 4.04
CA GLY A 20 1.87 17.34 4.45
C GLY A 20 0.92 16.40 3.71
N ALA A 21 -0.21 16.94 3.21
CA ALA A 21 -1.24 16.18 2.50
C ALA A 21 -2.06 15.35 3.52
N TYR A 22 -1.35 14.63 4.39
CA TYR A 22 -1.95 13.90 5.49
C TYR A 22 -2.05 14.81 6.72
N GLY A 23 -1.09 15.74 6.88
CA GLY A 23 -0.98 16.58 8.08
C GLY A 23 0.47 16.77 8.51
N VAL A 24 0.71 16.93 9.84
CA VAL A 24 2.01 17.14 10.47
C VAL A 24 2.33 15.93 11.35
N VAL A 25 3.56 15.39 11.26
CA VAL A 25 4.06 14.32 12.12
C VAL A 25 5.23 14.79 12.99
N SER A 26 5.26 14.34 14.25
CA SER A 26 6.29 14.69 15.22
C SER A 26 6.67 13.44 16.00
N SER A 27 7.95 13.35 16.41
CA SER A 27 8.36 12.35 17.38
C SER A 27 8.07 12.88 18.78
N ALA A 28 7.77 11.95 19.72
CA ALA A 28 7.29 12.30 21.04
C ALA A 28 7.52 11.12 21.97
N ARG A 29 7.40 11.39 23.29
CA ARG A 29 7.46 10.33 24.29
C ARG A 29 6.32 10.51 25.28
N ARG A 30 5.68 9.38 25.62
CA ARG A 30 4.68 9.36 26.68
C ARG A 30 5.41 9.66 27.97
N ARG A 31 4.98 10.72 28.68
CA ARG A 31 5.69 11.25 29.84
C ARG A 31 5.90 10.16 30.89
N LEU A 32 4.86 9.35 31.16
CA LEU A 32 4.86 8.36 32.22
C LEU A 32 5.76 7.16 31.90
N THR A 33 5.75 6.65 30.67
CA THR A 33 6.47 5.43 30.31
C THR A 33 7.85 5.73 29.71
N GLY A 34 7.96 6.86 29.00
CA GLY A 34 9.20 7.24 28.34
C GLY A 34 9.31 6.66 26.93
N GLN A 35 8.34 5.83 26.56
CA GLN A 35 8.29 5.16 25.28
C GLN A 35 8.05 6.16 24.16
N GLN A 36 8.81 5.98 23.08
CA GLN A 36 8.79 6.90 21.95
C GLN A 36 7.67 6.57 20.97
N VAL A 37 7.05 7.64 20.44
CA VAL A 37 5.96 7.55 19.48
C VAL A 37 6.06 8.64 18.41
N ALA A 38 5.20 8.50 17.38
CA ALA A 38 5.00 9.46 16.32
C ALA A 38 3.62 10.04 16.54
N ILE A 39 3.48 11.37 16.47
CA ILE A 39 2.17 11.96 16.62
C ILE A 39 1.81 12.72 15.34
N LYS A 40 0.67 12.37 14.72
CA LYS A 40 0.17 13.02 13.50
C LYS A 40 -1.01 13.92 13.86
N LYS A 41 -0.88 15.21 13.49
CA LYS A 41 -1.97 16.17 13.61
C LYS A 41 -2.66 16.30 12.27
N ILE A 42 -3.97 16.07 12.25
CA ILE A 42 -4.78 16.24 11.06
C ILE A 42 -5.51 17.55 11.29
N PRO A 43 -4.98 18.71 10.86
CA PRO A 43 -5.58 20.00 11.20
C PRO A 43 -6.83 20.20 10.37
N ASN A 44 -7.83 20.89 10.95
CA ASN A 44 -9.09 21.20 10.29
C ASN A 44 -9.70 19.95 9.67
N ALA A 45 -9.72 18.86 10.44
CA ALA A 45 -9.98 17.50 9.98
C ALA A 45 -11.37 17.34 9.35
N PHE A 46 -12.31 18.20 9.73
CA PHE A 46 -13.70 17.94 9.37
C PHE A 46 -14.24 18.99 8.40
N ASP A 47 -13.37 19.91 7.94
CA ASP A 47 -13.74 21.03 7.10
C ASP A 47 -14.09 20.62 5.67
N VAL A 48 -13.44 19.54 5.17
CA VAL A 48 -13.59 19.01 3.83
C VAL A 48 -14.08 17.58 3.90
N VAL A 49 -15.20 17.32 3.22
CA VAL A 49 -15.84 16.01 3.20
C VAL A 49 -14.87 14.91 2.77
N THR A 50 -14.17 15.09 1.63
CA THR A 50 -13.23 14.13 1.05
C THR A 50 -12.18 13.70 2.07
N ASN A 51 -11.55 14.68 2.72
CA ASN A 51 -10.54 14.41 3.72
C ASN A 51 -11.15 13.68 4.92
N ALA A 52 -12.31 14.16 5.38
CA ALA A 52 -12.92 13.57 6.56
C ALA A 52 -13.26 12.10 6.29
N LYS A 53 -13.81 11.82 5.11
CA LYS A 53 -14.09 10.45 4.71
C LYS A 53 -12.82 9.60 4.74
N ARG A 54 -11.69 10.12 4.22
CA ARG A 54 -10.45 9.37 4.21
C ARG A 54 -10.00 9.09 5.65
N THR A 55 -10.12 10.10 6.52
CA THR A 55 -9.74 9.96 7.91
C THR A 55 -10.54 8.84 8.57
N LEU A 56 -11.84 8.83 8.37
CA LEU A 56 -12.64 7.82 9.01
C LEU A 56 -12.23 6.44 8.48
N ARG A 57 -11.98 6.36 7.17
CA ARG A 57 -11.66 5.10 6.51
C ARG A 57 -10.36 4.54 7.08
N GLU A 58 -9.35 5.40 7.25
CA GLU A 58 -8.06 4.96 7.78
C GLU A 58 -8.16 4.62 9.27
N LEU A 59 -8.94 5.38 10.06
CA LEU A 59 -9.09 5.07 11.46
C LEU A 59 -9.68 3.67 11.63
N LYS A 60 -10.73 3.36 10.87
CA LYS A 60 -11.37 2.05 10.96
C LYS A 60 -10.39 0.95 10.51
N ILE A 61 -9.66 1.17 9.41
CA ILE A 61 -8.71 0.19 8.89
C ILE A 61 -7.63 -0.10 9.94
N LEU A 62 -6.97 0.92 10.49
CA LEU A 62 -5.86 0.69 11.40
C LEU A 62 -6.33 0.06 12.70
N LYS A 63 -7.55 0.41 13.14
CA LYS A 63 -8.10 -0.16 14.35
C LYS A 63 -8.46 -1.61 14.08
N HIS A 64 -8.75 -1.95 12.82
CA HIS A 64 -9.13 -3.30 12.46
C HIS A 64 -7.94 -4.25 12.50
N PHE A 65 -6.74 -3.78 12.12
CA PHE A 65 -5.63 -4.69 12.00
C PHE A 65 -4.87 -4.72 13.33
N LYS A 66 -4.40 -5.92 13.71
CA LYS A 66 -3.38 -6.04 14.74
C LYS A 66 -2.27 -6.91 14.16
N HIS A 67 -1.23 -6.26 13.61
CA HIS A 67 -0.19 -6.98 12.91
C HIS A 67 1.12 -6.19 12.94
N ASP A 68 2.21 -6.91 13.09
CA ASP A 68 3.51 -6.30 13.31
C ASP A 68 4.00 -5.58 12.07
N ASN A 69 3.47 -5.93 10.89
CA ASN A 69 3.96 -5.42 9.63
C ASN A 69 2.98 -4.40 9.07
N ILE A 70 2.05 -3.95 9.93
CA ILE A 70 1.09 -2.93 9.57
C ILE A 70 1.13 -1.88 10.66
N ILE A 71 1.37 -0.62 10.27
CA ILE A 71 1.41 0.52 11.19
C ILE A 71 0.18 0.50 12.11
N ALA A 72 0.39 0.75 13.40
CA ALA A 72 -0.69 0.63 14.38
C ALA A 72 -0.94 1.97 15.05
N ILE A 73 -2.22 2.26 15.37
CA ILE A 73 -2.56 3.38 16.24
C ILE A 73 -2.27 2.99 17.70
N LYS A 74 -1.42 3.76 18.38
CA LYS A 74 -1.12 3.49 19.78
C LYS A 74 -2.04 4.31 20.67
N ASP A 75 -2.43 5.51 20.21
CA ASP A 75 -3.36 6.34 20.94
C ASP A 75 -4.03 7.36 20.01
N ILE A 76 -5.25 7.76 20.37
CA ILE A 76 -5.87 8.95 19.80
C ILE A 76 -6.23 9.88 20.96
N LEU A 77 -5.78 11.15 20.93
CA LEU A 77 -5.97 12.08 22.03
C LEU A 77 -7.43 12.50 22.05
N ARG A 78 -8.05 12.60 23.24
CA ARG A 78 -9.46 12.95 23.33
C ARG A 78 -9.58 14.46 23.28
N PRO A 79 -10.65 15.03 22.68
CA PRO A 79 -10.88 16.47 22.77
C PRO A 79 -10.90 16.84 24.26
N THR A 80 -10.09 17.83 24.67
CA THR A 80 -10.20 18.44 26.00
C THR A 80 -10.82 19.84 25.86
N VAL A 81 -11.42 20.11 24.70
CA VAL A 81 -12.21 21.29 24.43
C VAL A 81 -13.67 20.90 24.20
N PRO A 82 -14.60 21.90 24.24
CA PRO A 82 -15.98 21.74 23.77
C PRO A 82 -16.07 21.18 22.35
N TYR A 83 -17.03 20.28 22.11
CA TYR A 83 -17.18 19.51 20.88
C TYR A 83 -17.15 20.42 19.64
N GLY A 84 -17.86 21.55 19.72
CA GLY A 84 -17.97 22.47 18.60
C GLY A 84 -16.62 23.09 18.22
N GLU A 85 -15.63 23.02 19.11
CA GLU A 85 -14.33 23.62 18.81
C GLU A 85 -13.25 22.55 18.61
N PHE A 86 -13.64 21.28 18.64
CA PHE A 86 -12.74 20.20 18.23
C PHE A 86 -12.58 20.26 16.70
N LYS A 87 -11.40 20.72 16.26
CA LYS A 87 -11.20 21.12 14.88
C LYS A 87 -10.19 20.18 14.22
N SER A 88 -9.19 19.72 15.00
CA SER A 88 -8.09 18.90 14.50
C SER A 88 -7.86 17.65 15.37
N VAL A 89 -7.44 16.57 14.71
CA VAL A 89 -7.33 15.27 15.34
C VAL A 89 -5.86 14.92 15.51
N TYR A 90 -5.55 14.31 16.67
CA TYR A 90 -4.21 13.92 17.03
C TYR A 90 -4.17 12.40 17.16
N VAL A 91 -3.41 11.73 16.27
CA VAL A 91 -3.24 10.27 16.25
C VAL A 91 -1.80 9.96 16.66
N VAL A 92 -1.65 9.02 17.61
CA VAL A 92 -0.34 8.54 18.06
C VAL A 92 -0.05 7.20 17.40
N LEU A 93 1.11 7.11 16.75
CA LEU A 93 1.46 5.94 15.94
C LEU A 93 2.84 5.42 16.33
N ASP A 94 3.15 4.15 15.99
CA ASP A 94 4.51 3.64 15.96
C ASP A 94 5.47 4.67 15.36
N LEU A 95 6.59 4.92 16.04
CA LEU A 95 7.60 5.81 15.51
C LEU A 95 8.50 4.98 14.59
N MET A 96 8.64 5.42 13.34
CA MET A 96 9.45 4.69 12.37
C MET A 96 10.47 5.67 11.82
N GLU A 97 11.76 5.35 12.01
CA GLU A 97 12.90 6.19 11.65
C GLU A 97 12.97 6.47 10.14
N SER A 98 12.85 5.44 9.30
CA SER A 98 13.00 5.63 7.85
C SER A 98 11.88 4.93 7.06
N ASP A 99 12.05 4.83 5.72
CA ASP A 99 11.15 4.12 4.83
C ASP A 99 11.97 3.51 3.68
N LEU A 100 11.33 2.64 2.88
CA LEU A 100 12.07 1.81 1.94
C LEU A 100 12.68 2.62 0.79
N HIS A 101 12.05 3.75 0.47
CA HIS A 101 12.59 4.61 -0.56
C HIS A 101 13.95 5.20 -0.15
N GLN A 102 13.92 5.85 1.00
CA GLN A 102 15.12 6.44 1.57
C GLN A 102 16.23 5.40 1.68
N ILE A 103 15.89 4.11 1.89
CA ILE A 103 16.90 3.12 2.20
C ILE A 103 17.48 2.66 0.88
N ILE A 104 16.58 2.38 -0.08
CA ILE A 104 17.01 1.91 -1.40
C ILE A 104 17.91 2.96 -2.06
N HIS A 105 17.46 4.24 -2.01
CA HIS A 105 18.13 5.33 -2.71
C HIS A 105 19.01 6.10 -1.72
N SER A 106 20.06 5.42 -1.26
CA SER A 106 20.96 5.99 -0.26
C SER A 106 22.25 5.21 -0.24
N SER A 107 23.18 5.65 0.60
CA SER A 107 24.47 5.01 0.67
C SER A 107 24.43 3.93 1.76
N GLN A 108 23.25 3.68 2.29
CA GLN A 108 23.08 2.58 3.23
C GLN A 108 23.26 1.24 2.53
N PRO A 109 23.64 0.22 3.30
CA PRO A 109 23.66 -1.15 2.76
C PRO A 109 22.28 -1.66 2.37
N LEU A 110 22.25 -2.49 1.32
CA LEU A 110 21.09 -3.27 0.92
C LEU A 110 21.58 -4.46 0.12
N THR A 111 22.00 -5.55 0.79
CA THR A 111 22.44 -6.79 0.16
C THR A 111 21.22 -7.64 -0.16
N LEU A 112 21.45 -8.84 -0.71
CA LEU A 112 20.37 -9.75 -1.05
C LEU A 112 19.60 -10.13 0.21
N GLU A 113 20.29 -10.09 1.35
CA GLU A 113 19.70 -10.53 2.59
C GLU A 113 18.71 -9.49 3.08
N HIS A 114 19.05 -8.22 2.87
CA HIS A 114 18.12 -7.13 3.17
C HIS A 114 16.86 -7.27 2.32
N VAL A 115 17.07 -7.48 1.02
CA VAL A 115 16.00 -7.61 0.06
C VAL A 115 15.08 -8.74 0.52
N ARG A 116 15.67 -9.90 0.82
CA ARG A 116 14.93 -11.07 1.25
C ARG A 116 14.08 -10.79 2.50
N TYR A 117 14.65 -10.09 3.47
CA TYR A 117 13.97 -9.92 4.73
C TYR A 117 12.86 -8.88 4.59
N PHE A 118 13.14 -7.78 3.85
CA PHE A 118 12.17 -6.71 3.63
C PHE A 118 10.98 -7.25 2.83
N LEU A 119 11.26 -8.07 1.80
CA LEU A 119 10.20 -8.64 1.01
C LEU A 119 9.37 -9.58 1.87
N TYR A 120 10.07 -10.36 2.71
CA TYR A 120 9.38 -11.29 3.58
C TYR A 120 8.33 -10.57 4.44
N GLN A 121 8.75 -9.47 5.08
CA GLN A 121 7.85 -8.76 5.96
C GLN A 121 6.71 -8.09 5.18
N LEU A 122 7.02 -7.51 4.03
CA LEU A 122 5.99 -6.91 3.20
C LEU A 122 4.90 -7.95 2.92
N LEU A 123 5.32 -9.11 2.39
CA LEU A 123 4.38 -10.18 2.02
C LEU A 123 3.60 -10.71 3.21
N ARG A 124 4.27 -10.80 4.37
CA ARG A 124 3.66 -11.24 5.61
C ARG A 124 2.49 -10.32 5.97
N GLY A 125 2.76 -9.00 5.92
CA GLY A 125 1.74 -7.97 6.12
C GLY A 125 0.61 -8.03 5.08
N LEU A 126 0.93 -8.32 3.81
CA LEU A 126 -0.11 -8.38 2.82
C LEU A 126 -0.98 -9.64 2.95
N LYS A 127 -0.37 -10.76 3.37
CA LYS A 127 -1.17 -11.97 3.51
C LYS A 127 -2.29 -11.68 4.51
N TYR A 128 -1.93 -11.02 5.61
CA TYR A 128 -2.89 -10.65 6.63
C TYR A 128 -3.98 -9.71 6.08
N MET A 129 -3.54 -8.63 5.44
CA MET A 129 -4.39 -7.56 4.95
C MET A 129 -5.31 -8.10 3.84
N HIS A 130 -4.72 -8.87 2.91
CA HIS A 130 -5.46 -9.48 1.81
C HIS A 130 -6.56 -10.40 2.30
N SER A 131 -6.29 -11.19 3.33
CA SER A 131 -7.24 -12.13 3.89
C SER A 131 -8.45 -11.41 4.48
N ALA A 132 -8.32 -10.10 4.78
CA ALA A 132 -9.39 -9.31 5.35
C ALA A 132 -10.17 -8.65 4.21
N GLN A 133 -9.67 -8.89 2.99
CA GLN A 133 -10.35 -8.46 1.78
C GLN A 133 -10.17 -6.96 1.54
N VAL A 134 -8.94 -6.53 1.84
CA VAL A 134 -8.51 -5.15 1.68
C VAL A 134 -7.37 -5.14 0.68
N ILE A 135 -7.56 -4.39 -0.42
CA ILE A 135 -6.55 -4.09 -1.42
C ILE A 135 -6.02 -2.70 -1.04
N HIS A 136 -4.71 -2.62 -0.83
CA HIS A 136 -4.09 -1.38 -0.42
C HIS A 136 -4.13 -0.38 -1.58
N ARG A 137 -3.79 -0.89 -2.77
CA ARG A 137 -3.87 -0.19 -4.04
C ARG A 137 -2.80 0.88 -4.20
N ASP A 138 -1.92 1.08 -3.23
CA ASP A 138 -0.91 2.11 -3.45
C ASP A 138 0.44 1.75 -2.85
N LEU A 139 0.88 0.49 -2.98
CA LEU A 139 2.16 0.13 -2.38
C LEU A 139 3.28 0.71 -3.22
N LYS A 140 4.24 1.37 -2.55
CA LYS A 140 5.46 1.87 -3.16
C LYS A 140 6.48 1.96 -2.03
N PRO A 141 7.80 2.01 -2.34
CA PRO A 141 8.80 2.07 -1.28
C PRO A 141 8.51 3.06 -0.16
N SER A 142 8.08 4.26 -0.54
CA SER A 142 7.96 5.31 0.44
C SER A 142 6.80 5.10 1.42
N ASN A 143 5.92 4.10 1.18
CA ASN A 143 4.76 3.81 2.01
C ASN A 143 5.09 2.67 2.96
N LEU A 144 6.31 2.17 2.83
CA LEU A 144 6.76 1.07 3.67
C LEU A 144 7.75 1.62 4.67
N LEU A 145 7.28 1.83 5.91
CA LEU A 145 8.16 2.43 6.91
C LEU A 145 9.06 1.38 7.56
N VAL A 146 10.27 1.79 7.96
CA VAL A 146 11.23 0.91 8.61
C VAL A 146 11.83 1.58 9.84
N ASN A 147 11.84 0.88 10.98
CA ASN A 147 12.31 1.48 12.22
C ASN A 147 13.77 1.11 12.48
N GLU A 148 14.30 1.53 13.63
CA GLU A 148 15.67 1.29 14.08
C GLU A 148 15.98 -0.19 14.21
N ASN A 149 14.95 -1.05 14.31
CA ASN A 149 15.09 -2.48 14.47
C ASN A 149 14.91 -3.26 13.16
N CYS A 150 14.77 -2.55 12.04
CA CYS A 150 14.59 -3.22 10.77
C CYS A 150 13.20 -3.87 10.66
N GLU A 151 12.21 -3.46 11.46
CA GLU A 151 10.85 -3.94 11.21
C GLU A 151 10.24 -3.08 10.09
N LEU A 152 9.65 -3.74 9.09
CA LEU A 152 8.91 -3.06 8.03
C LEU A 152 7.40 -3.04 8.30
N LYS A 153 6.80 -1.84 8.26
CA LYS A 153 5.36 -1.70 8.44
C LYS A 153 4.71 -0.97 7.25
N ILE A 154 3.59 -1.54 6.79
CA ILE A 154 2.81 -0.96 5.70
C ILE A 154 1.98 0.14 6.31
N GLY A 155 2.02 1.33 5.70
CA GLY A 155 1.14 2.41 6.12
C GLY A 155 0.43 3.02 4.93
N ASP A 156 -0.33 4.11 5.19
CA ASP A 156 -0.95 4.93 4.15
C ASP A 156 -2.10 4.18 3.47
N PHE A 157 -3.21 4.03 4.19
CA PHE A 157 -4.34 3.23 3.75
C PHE A 157 -5.41 4.10 3.11
N GLY A 158 -5.04 5.32 2.69
CA GLY A 158 -5.91 6.31 2.09
C GLY A 158 -6.61 5.82 0.81
N MET A 159 -5.88 4.99 0.06
CA MET A 159 -6.27 4.47 -1.24
C MET A 159 -7.02 3.13 -1.14
N ALA A 160 -6.98 2.48 0.02
CA ALA A 160 -7.41 1.09 0.20
C ALA A 160 -8.91 0.96 -0.02
N ARG A 161 -9.30 -0.18 -0.60
CA ARG A 161 -10.67 -0.48 -0.96
C ARG A 161 -10.89 -1.98 -0.79
N GLY A 162 -12.17 -2.39 -0.73
CA GLY A 162 -12.58 -3.78 -0.80
C GLY A 162 -12.70 -4.28 -2.23
N LEU A 163 -13.34 -5.43 -2.40
CA LEU A 163 -13.33 -6.11 -3.69
C LEU A 163 -14.42 -5.59 -4.63
N CYS A 164 -15.53 -5.07 -4.08
CA CYS A 164 -16.62 -4.45 -4.84
C CYS A 164 -17.00 -3.09 -4.25
N THR A 165 -16.83 -2.04 -5.07
CA THR A 165 -16.86 -0.65 -4.60
C THR A 165 -18.00 0.14 -5.26
N SER A 166 -18.17 1.40 -4.81
CA SER A 166 -19.28 2.27 -5.16
C SER A 166 -19.09 2.89 -6.56
N PRO A 167 -20.10 2.82 -7.46
CA PRO A 167 -20.01 3.42 -8.79
C PRO A 167 -20.06 4.95 -8.78
N ALA A 168 -20.32 5.53 -7.59
CA ALA A 168 -20.45 6.97 -7.37
C ALA A 168 -19.08 7.64 -7.29
N GLU A 169 -18.04 6.82 -7.08
CA GLU A 169 -16.65 7.27 -7.06
C GLU A 169 -16.10 7.23 -8.49
N HIS A 170 -15.36 8.29 -8.85
CA HIS A 170 -14.81 8.48 -10.20
C HIS A 170 -13.87 7.35 -10.58
N GLN A 171 -13.11 6.84 -9.59
N GLN A 171 -13.14 6.87 -9.57
CA GLN A 171 -12.04 5.86 -9.75
CA GLN A 171 -12.06 5.90 -9.68
C GLN A 171 -12.58 4.49 -10.15
C GLN A 171 -12.59 4.54 -10.16
N TYR A 172 -13.88 4.27 -9.89
CA TYR A 172 -14.55 3.03 -10.28
C TYR A 172 -14.39 2.78 -11.79
N PHE A 173 -14.46 3.86 -12.59
CA PHE A 173 -14.39 3.85 -14.05
C PHE A 173 -13.02 4.34 -14.54
N MET A 174 -12.36 5.19 -13.76
CA MET A 174 -11.11 5.79 -14.25
C MET A 174 -9.93 5.18 -13.52
N THR A 175 -9.75 3.88 -13.78
CA THR A 175 -8.85 3.05 -13.03
C THR A 175 -7.40 3.50 -13.25
N GLU A 176 -7.16 4.19 -14.37
CA GLU A 176 -5.80 4.47 -14.77
C GLU A 176 -5.25 5.61 -13.92
N TYR A 177 -6.11 6.20 -13.07
CA TYR A 177 -5.68 7.28 -12.20
C TYR A 177 -5.53 6.84 -10.74
N VAL A 178 -5.82 5.56 -10.49
CA VAL A 178 -5.73 4.98 -9.17
C VAL A 178 -4.27 4.75 -8.85
N ALA A 179 -3.83 5.34 -7.72
CA ALA A 179 -2.49 5.14 -7.17
C ALA A 179 -1.43 5.79 -8.05
N THR A 180 -0.23 5.16 -8.10
CA THR A 180 0.98 5.84 -8.52
C THR A 180 1.45 5.13 -9.77
N ARG A 181 1.75 5.90 -10.84
CA ARG A 181 1.96 5.40 -12.19
C ARG A 181 3.00 4.29 -12.22
N TRP A 182 4.08 4.44 -11.47
CA TRP A 182 5.24 3.57 -11.61
C TRP A 182 5.01 2.18 -11.05
N TYR A 183 3.98 2.05 -10.19
CA TYR A 183 3.70 0.82 -9.48
C TYR A 183 2.26 0.39 -9.75
N ARG A 184 1.66 1.04 -10.74
CA ARG A 184 0.26 0.80 -11.08
C ARG A 184 0.13 -0.40 -12.01
N ALA A 185 -0.68 -1.35 -11.57
CA ALA A 185 -0.89 -2.63 -12.23
C ALA A 185 -1.49 -2.41 -13.61
N PRO A 186 -1.14 -3.27 -14.60
CA PRO A 186 -1.74 -3.24 -15.93
C PRO A 186 -3.26 -3.16 -15.92
N GLU A 187 -3.91 -3.95 -15.05
CA GLU A 187 -5.36 -4.00 -15.05
C GLU A 187 -5.95 -2.63 -14.74
N LEU A 188 -5.20 -1.79 -14.01
CA LEU A 188 -5.69 -0.45 -13.71
C LEU A 188 -5.48 0.46 -14.91
N MET A 189 -4.26 0.44 -15.46
CA MET A 189 -3.91 1.19 -16.66
C MET A 189 -4.88 0.90 -17.80
N LEU A 190 -5.29 -0.38 -17.98
CA LEU A 190 -6.00 -0.76 -19.19
C LEU A 190 -7.47 -1.01 -18.92
N SER A 191 -7.90 -0.91 -17.65
CA SER A 191 -9.27 -1.23 -17.25
C SER A 191 -9.65 -2.65 -17.68
N LEU A 192 -8.94 -3.65 -17.14
CA LEU A 192 -9.20 -5.01 -17.57
C LEU A 192 -10.40 -5.63 -16.86
N HIS A 193 -11.11 -4.88 -16.01
CA HIS A 193 -12.32 -5.28 -15.28
C HIS A 193 -12.11 -6.48 -14.34
N GLU A 194 -10.88 -6.64 -13.86
CA GLU A 194 -10.50 -7.67 -12.90
C GLU A 194 -9.66 -6.96 -11.83
N TYR A 195 -10.33 -6.49 -10.76
CA TYR A 195 -9.64 -5.72 -9.74
C TYR A 195 -9.55 -6.48 -8.40
N THR A 196 -8.43 -7.19 -8.19
CA THR A 196 -8.30 -8.01 -6.99
C THR A 196 -7.05 -7.67 -6.19
N GLN A 197 -6.78 -8.43 -5.12
CA GLN A 197 -5.55 -8.32 -4.34
C GLN A 197 -4.33 -8.40 -5.27
N ALA A 198 -4.51 -8.90 -6.49
CA ALA A 198 -3.38 -9.07 -7.39
C ALA A 198 -2.82 -7.72 -7.79
N ILE A 199 -3.64 -6.65 -7.66
CA ILE A 199 -3.22 -5.27 -7.85
C ILE A 199 -1.97 -5.01 -7.01
N ASP A 200 -2.02 -5.46 -5.75
CA ASP A 200 -0.96 -5.23 -4.80
C ASP A 200 0.28 -6.03 -5.18
N LEU A 201 0.07 -7.27 -5.66
CA LEU A 201 1.21 -8.10 -5.99
C LEU A 201 1.98 -7.57 -7.19
N TRP A 202 1.34 -6.77 -8.05
CA TRP A 202 2.06 -6.07 -9.12
C TRP A 202 3.03 -5.06 -8.52
N SER A 203 2.50 -4.22 -7.60
CA SER A 203 3.32 -3.24 -6.88
C SER A 203 4.46 -3.94 -6.13
N VAL A 204 4.16 -5.08 -5.51
CA VAL A 204 5.21 -5.78 -4.78
C VAL A 204 6.36 -6.16 -5.73
N GLY A 205 6.01 -6.67 -6.91
CA GLY A 205 6.98 -7.02 -7.93
C GLY A 205 7.84 -5.81 -8.32
N CYS A 206 7.20 -4.64 -8.38
CA CYS A 206 7.92 -3.44 -8.76
C CYS A 206 8.91 -3.05 -7.69
N ILE A 207 8.46 -3.16 -6.42
CA ILE A 207 9.28 -2.91 -5.23
C ILE A 207 10.43 -3.92 -5.17
N PHE A 208 10.14 -5.20 -5.42
CA PHE A 208 11.15 -6.24 -5.41
C PHE A 208 12.25 -5.93 -6.42
N GLY A 209 11.83 -5.63 -7.65
CA GLY A 209 12.79 -5.30 -8.69
C GLY A 209 13.66 -4.10 -8.29
N GLU A 210 12.98 -3.06 -7.81
CA GLU A 210 13.66 -1.86 -7.35
C GLU A 210 14.73 -2.18 -6.31
N MET A 211 14.46 -3.15 -5.41
CA MET A 211 15.38 -3.41 -4.31
C MET A 211 16.59 -4.16 -4.85
N LEU A 212 16.35 -5.05 -5.85
CA LEU A 212 17.41 -5.81 -6.47
C LEU A 212 18.41 -4.92 -7.24
N ALA A 213 17.96 -3.82 -7.85
CA ALA A 213 18.86 -3.00 -8.66
C ALA A 213 19.06 -1.62 -8.02
N ARG A 214 18.35 -1.35 -6.92
CA ARG A 214 18.29 -0.03 -6.30
C ARG A 214 17.98 1.09 -7.31
N ARG A 215 17.11 0.82 -8.31
CA ARG A 215 16.42 1.82 -9.09
C ARG A 215 15.07 1.30 -9.58
N GLN A 216 14.17 2.25 -9.90
CA GLN A 216 12.78 1.98 -10.21
C GLN A 216 12.72 1.15 -11.48
N LEU A 217 11.79 0.21 -11.53
CA LEU A 217 11.75 -0.76 -12.62
C LEU A 217 11.04 -0.17 -13.83
N PHE A 218 9.87 0.46 -13.64
CA PHE A 218 9.17 0.99 -14.79
C PHE A 218 8.85 2.47 -14.62
N PRO A 219 9.84 3.38 -14.72
CA PRO A 219 9.58 4.80 -14.46
C PRO A 219 9.08 5.61 -15.66
N GLY A 220 7.93 5.22 -16.22
CA GLY A 220 7.29 5.87 -17.37
C GLY A 220 7.03 7.37 -17.15
N LYS A 221 7.26 8.20 -18.18
CA LYS A 221 7.10 9.64 -18.05
C LYS A 221 5.63 10.06 -18.08
N ASN A 222 4.76 9.21 -18.65
CA ASN A 222 3.32 9.42 -18.77
C ASN A 222 2.67 8.08 -19.10
N TYR A 223 1.36 8.10 -19.37
CA TYR A 223 0.56 6.91 -19.65
C TYR A 223 1.16 6.02 -20.73
N VAL A 224 1.37 6.57 -21.93
CA VAL A 224 1.75 5.71 -23.05
C VAL A 224 3.16 5.15 -22.78
N HIS A 225 4.06 6.01 -22.30
CA HIS A 225 5.43 5.57 -22.05
C HIS A 225 5.47 4.52 -20.93
N GLN A 226 4.51 4.58 -20.01
CA GLN A 226 4.43 3.58 -18.97
C GLN A 226 4.18 2.21 -19.59
N LEU A 227 3.17 2.14 -20.44
CA LEU A 227 2.87 0.90 -21.11
C LEU A 227 4.08 0.43 -21.93
N GLN A 228 4.74 1.38 -22.59
CA GLN A 228 5.87 1.01 -23.41
C GLN A 228 6.96 0.34 -22.54
N LEU A 229 7.27 0.94 -21.36
CA LEU A 229 8.34 0.48 -20.47
C LEU A 229 8.06 -0.93 -19.97
N ILE A 230 6.81 -1.18 -19.57
CA ILE A 230 6.37 -2.50 -19.14
C ILE A 230 6.56 -3.50 -20.27
N MET A 231 6.25 -3.09 -21.50
CA MET A 231 6.16 -4.06 -22.59
C MET A 231 7.55 -4.38 -23.12
N MET A 232 8.51 -3.47 -22.86
CA MET A 232 9.92 -3.68 -23.18
C MET A 232 10.44 -4.92 -22.47
N VAL A 233 9.82 -5.29 -21.35
CA VAL A 233 10.29 -6.41 -20.56
C VAL A 233 9.31 -7.57 -20.70
N LEU A 234 8.03 -7.30 -20.47
CA LEU A 234 7.03 -8.35 -20.41
C LEU A 234 6.69 -8.86 -21.83
N GLY A 235 7.10 -8.08 -22.85
CA GLY A 235 6.60 -8.23 -24.21
C GLY A 235 5.21 -7.61 -24.39
N THR A 236 4.63 -7.81 -25.57
CA THR A 236 3.28 -7.32 -25.84
C THR A 236 2.27 -8.18 -25.08
N PRO A 237 1.12 -7.64 -24.66
CA PRO A 237 0.13 -8.49 -23.99
C PRO A 237 -0.36 -9.53 -24.98
N SER A 238 -0.85 -10.64 -24.45
CA SER A 238 -1.50 -11.67 -25.25
C SER A 238 -2.79 -11.11 -25.87
N PRO A 239 -3.24 -11.70 -27.02
CA PRO A 239 -4.57 -11.45 -27.57
C PRO A 239 -5.69 -11.38 -26.56
N ALA A 240 -5.68 -12.29 -25.58
CA ALA A 240 -6.82 -12.39 -24.66
C ALA A 240 -6.92 -11.12 -23.81
N VAL A 241 -5.75 -10.62 -23.42
CA VAL A 241 -5.67 -9.40 -22.63
C VAL A 241 -6.04 -8.20 -23.51
N ILE A 242 -5.56 -8.20 -24.77
CA ILE A 242 -5.81 -7.09 -25.67
C ILE A 242 -7.32 -6.91 -25.89
N GLN A 243 -8.04 -8.04 -26.04
CA GLN A 243 -9.48 -7.97 -26.18
C GLN A 243 -10.12 -7.34 -24.94
N ALA A 244 -9.52 -7.55 -23.76
CA ALA A 244 -10.16 -7.17 -22.51
C ALA A 244 -9.94 -5.70 -22.18
N VAL A 245 -9.13 -5.01 -23.00
CA VAL A 245 -8.85 -3.58 -22.80
C VAL A 245 -10.13 -2.75 -22.96
N GLY A 246 -10.47 -1.99 -21.92
CA GLY A 246 -11.68 -1.18 -21.78
C GLY A 246 -11.91 -0.14 -22.87
N ALA A 247 -10.95 0.75 -23.10
CA ALA A 247 -11.09 1.84 -24.07
C ALA A 247 -10.47 1.49 -25.42
N GLU A 248 -11.25 1.82 -26.48
CA GLU A 248 -10.95 1.64 -27.90
C GLU A 248 -9.54 2.15 -28.28
N ARG A 249 -9.16 3.37 -27.85
CA ARG A 249 -7.95 3.99 -28.39
C ARG A 249 -6.71 3.28 -27.89
N VAL A 250 -6.77 2.82 -26.63
CA VAL A 250 -5.62 2.16 -26.03
C VAL A 250 -5.45 0.82 -26.74
N ARG A 251 -6.60 0.09 -26.78
CA ARG A 251 -6.77 -1.19 -27.45
C ARG A 251 -6.11 -1.13 -28.82
N ALA A 252 -6.52 -0.11 -29.60
CA ALA A 252 -6.02 0.09 -30.95
C ALA A 252 -4.52 0.32 -30.92
N TYR A 253 -4.06 1.12 -29.95
CA TYR A 253 -2.65 1.48 -29.89
C TYR A 253 -1.81 0.22 -29.71
N ILE A 254 -2.20 -0.66 -28.79
CA ILE A 254 -1.41 -1.84 -28.47
C ILE A 254 -1.36 -2.78 -29.68
N GLN A 255 -2.50 -2.91 -30.38
CA GLN A 255 -2.66 -3.69 -31.60
C GLN A 255 -1.80 -3.11 -32.72
N SER A 256 -1.49 -1.82 -32.67
CA SER A 256 -0.68 -1.18 -33.69
C SER A 256 0.82 -1.50 -33.55
N LEU A 257 1.21 -2.23 -32.50
CA LEU A 257 2.63 -2.51 -32.29
C LEU A 257 2.95 -3.94 -32.73
N PRO A 258 4.16 -4.19 -33.30
CA PRO A 258 4.61 -5.56 -33.61
C PRO A 258 4.68 -6.44 -32.36
N PRO A 259 4.33 -7.76 -32.43
CA PRO A 259 4.56 -8.64 -31.29
C PRO A 259 6.01 -8.57 -30.80
N ARG A 260 6.15 -8.60 -29.47
CA ARG A 260 7.44 -8.59 -28.78
C ARG A 260 7.41 -9.74 -27.78
N GLN A 261 8.52 -10.47 -27.79
CA GLN A 261 8.77 -11.58 -26.88
C GLN A 261 9.19 -11.05 -25.52
N PRO A 262 8.70 -11.66 -24.39
CA PRO A 262 9.15 -11.28 -23.05
C PRO A 262 10.66 -11.46 -22.95
N VAL A 263 11.30 -10.57 -22.20
CA VAL A 263 12.71 -10.73 -21.89
C VAL A 263 12.80 -11.55 -20.61
N PRO A 264 13.64 -12.62 -20.54
CA PRO A 264 13.91 -13.31 -19.28
C PRO A 264 14.52 -12.33 -18.26
N TRP A 265 14.16 -12.53 -16.99
CA TRP A 265 14.52 -11.59 -15.95
C TRP A 265 16.03 -11.54 -15.71
N GLU A 266 16.74 -12.61 -16.12
CA GLU A 266 18.18 -12.79 -16.00
C GLU A 266 18.89 -11.70 -16.80
N THR A 267 18.20 -11.24 -17.85
CA THR A 267 18.72 -10.26 -18.76
C THR A 267 18.51 -8.86 -18.19
N VAL A 268 17.31 -8.63 -17.61
CA VAL A 268 16.93 -7.37 -16.97
C VAL A 268 17.84 -7.09 -15.77
N TYR A 269 18.05 -8.11 -14.94
CA TYR A 269 18.83 -8.00 -13.72
C TYR A 269 19.97 -9.01 -13.77
N PRO A 270 21.06 -8.72 -14.53
CA PRO A 270 22.11 -9.71 -14.76
C PRO A 270 22.85 -10.14 -13.48
N GLY A 271 22.96 -11.46 -13.27
CA GLY A 271 23.77 -11.98 -12.19
C GLY A 271 23.05 -12.00 -10.84
N ALA A 272 21.84 -11.43 -10.80
CA ALA A 272 20.93 -11.42 -9.66
C ALA A 272 20.59 -12.86 -9.28
N ASP A 273 20.23 -13.06 -8.02
CA ASP A 273 19.91 -14.37 -7.46
C ASP A 273 18.85 -15.08 -8.31
N ARG A 274 19.07 -16.37 -8.60
CA ARG A 274 18.18 -17.17 -9.44
C ARG A 274 16.80 -17.28 -8.79
N GLN A 275 16.80 -17.45 -7.46
CA GLN A 275 15.58 -17.71 -6.70
C GLN A 275 14.77 -16.44 -6.57
N ALA A 276 15.47 -15.30 -6.57
CA ALA A 276 14.82 -14.00 -6.53
C ALA A 276 14.08 -13.75 -7.83
N LEU A 277 14.76 -14.00 -8.97
CA LEU A 277 14.13 -13.76 -10.26
C LEU A 277 12.99 -14.76 -10.50
N SER A 278 13.12 -15.98 -9.96
CA SER A 278 12.04 -16.95 -10.01
C SER A 278 10.74 -16.34 -9.45
N LEU A 279 10.82 -15.79 -8.23
CA LEU A 279 9.65 -15.27 -7.56
C LEU A 279 9.18 -13.98 -8.25
N LEU A 280 10.14 -13.15 -8.66
CA LEU A 280 9.81 -11.88 -9.28
C LEU A 280 8.91 -12.11 -10.48
N GLY A 281 9.33 -13.08 -11.31
CA GLY A 281 8.63 -13.43 -12.52
C GLY A 281 7.20 -13.89 -12.24
N ARG A 282 6.97 -14.54 -11.09
N ARG A 282 6.97 -14.55 -11.09
CA ARG A 282 5.67 -15.04 -10.69
CA ARG A 282 5.67 -15.04 -10.69
C ARG A 282 4.72 -13.88 -10.33
C ARG A 282 4.73 -13.88 -10.35
N MET A 283 5.28 -12.69 -10.11
CA MET A 283 4.48 -11.55 -9.67
C MET A 283 4.17 -10.62 -10.85
N LEU A 284 5.15 -10.37 -11.73
CA LEU A 284 5.00 -9.39 -12.80
C LEU A 284 4.53 -10.06 -14.09
N ARG A 285 3.22 -10.32 -14.15
N ARG A 285 3.22 -10.30 -14.14
CA ARG A 285 2.53 -10.88 -15.30
CA ARG A 285 2.51 -10.86 -15.28
C ARG A 285 1.31 -9.99 -15.57
C ARG A 285 1.31 -9.96 -15.57
N PHE A 286 0.93 -9.91 -16.86
CA PHE A 286 -0.14 -9.02 -17.30
C PHE A 286 -1.47 -9.38 -16.65
N GLU A 287 -1.77 -10.68 -16.61
CA GLU A 287 -3.06 -11.21 -16.21
C GLU A 287 -3.06 -11.25 -14.69
N PRO A 288 -3.98 -10.55 -14.00
CA PRO A 288 -4.07 -10.58 -12.55
C PRO A 288 -4.01 -12.00 -11.98
N SER A 289 -4.80 -12.90 -12.55
CA SER A 289 -4.95 -14.22 -11.94
C SER A 289 -3.78 -15.14 -12.29
N ALA A 290 -2.82 -14.69 -13.07
CA ALA A 290 -1.62 -15.48 -13.33
C ALA A 290 -0.56 -15.21 -12.28
N ARG A 291 -0.80 -14.18 -11.44
CA ARG A 291 0.22 -13.72 -10.51
C ARG A 291 0.10 -14.57 -9.24
N ILE A 292 1.25 -14.80 -8.58
CA ILE A 292 1.33 -15.49 -7.30
C ILE A 292 0.60 -14.67 -6.23
N SER A 293 0.02 -15.33 -5.23
CA SER A 293 -0.66 -14.62 -4.16
C SER A 293 0.38 -14.27 -3.10
N ALA A 294 -0.01 -13.42 -2.11
CA ALA A 294 0.90 -13.08 -1.03
C ALA A 294 1.26 -14.33 -0.21
N ALA A 295 0.20 -15.07 0.17
CA ALA A 295 0.31 -16.31 0.95
C ALA A 295 1.22 -17.34 0.26
N ALA A 296 1.08 -17.51 -1.06
CA ALA A 296 1.88 -18.45 -1.81
C ALA A 296 3.32 -17.93 -1.97
N ALA A 297 3.50 -16.62 -2.08
CA ALA A 297 4.86 -16.14 -2.23
C ALA A 297 5.67 -16.42 -0.96
N LEU A 298 4.99 -16.43 0.20
CA LEU A 298 5.66 -16.72 1.44
C LEU A 298 6.18 -18.18 1.45
N ARG A 299 5.56 -19.04 0.61
CA ARG A 299 5.96 -20.43 0.46
C ARG A 299 7.14 -20.56 -0.50
N HIS A 300 7.47 -19.53 -1.26
CA HIS A 300 8.46 -19.71 -2.30
C HIS A 300 9.87 -19.92 -1.70
N PRO A 301 10.72 -20.77 -2.33
CA PRO A 301 12.08 -21.02 -1.88
C PRO A 301 12.94 -19.80 -1.54
N PHE A 302 12.65 -18.65 -2.16
CA PHE A 302 13.48 -17.47 -1.95
C PHE A 302 13.32 -16.97 -0.52
N LEU A 303 12.17 -17.29 0.12
CA LEU A 303 11.83 -16.80 1.43
C LEU A 303 11.88 -17.92 2.48
N ALA A 304 12.44 -19.09 2.10
CA ALA A 304 12.70 -20.26 2.93
C ALA A 304 13.19 -19.91 4.33
N LYS A 305 14.24 -19.08 4.38
CA LYS A 305 14.96 -18.65 5.55
C LYS A 305 14.01 -18.07 6.61
N TYR A 306 12.95 -17.32 6.24
CA TYR A 306 12.14 -16.67 7.26
C TYR A 306 10.75 -17.27 7.37
N HIS A 307 10.30 -18.00 6.36
CA HIS A 307 8.90 -18.38 6.30
C HIS A 307 8.59 -19.34 7.44
N ASP A 308 7.54 -19.01 8.19
CA ASP A 308 7.08 -19.85 9.27
C ASP A 308 5.56 -19.93 9.18
N PRO A 309 4.97 -21.01 8.60
CA PRO A 309 3.52 -21.08 8.37
C PRO A 309 2.86 -20.86 9.71
N ASP A 310 3.68 -20.97 10.74
CA ASP A 310 3.12 -21.19 12.05
C ASP A 310 2.96 -19.84 12.72
N ASP A 311 3.45 -18.77 12.05
CA ASP A 311 3.51 -17.39 12.55
C ASP A 311 3.24 -16.36 11.44
N GLU A 312 2.36 -16.71 10.51
CA GLU A 312 1.99 -15.79 9.43
C GLU A 312 0.48 -15.67 9.38
N PRO A 313 -0.14 -15.02 10.39
CA PRO A 313 -1.59 -15.06 10.57
C PRO A 313 -2.40 -14.42 9.45
N ASP A 314 -3.64 -14.94 9.31
CA ASP A 314 -4.74 -14.34 8.58
C ASP A 314 -5.51 -13.41 9.50
N CYS A 315 -6.41 -12.66 8.90
CA CYS A 315 -7.17 -11.66 9.63
C CYS A 315 -8.65 -12.02 9.54
N ALA A 316 -9.25 -12.31 10.71
CA ALA A 316 -10.67 -12.62 10.78
C ALA A 316 -11.34 -11.63 11.74
N PRO A 317 -12.55 -11.08 11.46
CA PRO A 317 -13.26 -11.26 10.18
C PRO A 317 -12.76 -10.30 9.11
N PRO A 318 -13.20 -10.42 7.83
CA PRO A 318 -12.87 -9.43 6.79
C PRO A 318 -13.31 -8.01 7.15
N PHE A 319 -12.71 -7.02 6.49
CA PHE A 319 -13.07 -5.62 6.73
C PHE A 319 -14.23 -5.22 5.81
N ASP A 320 -15.22 -4.48 6.33
CA ASP A 320 -16.34 -4.08 5.50
C ASP A 320 -16.24 -2.57 5.18
N PHE A 321 -16.40 -2.24 3.89
CA PHE A 321 -16.25 -0.90 3.35
C PHE A 321 -17.60 -0.20 3.11
N ALA A 322 -18.68 -0.82 3.59
CA ALA A 322 -20.04 -0.31 3.45
C ALA A 322 -20.17 1.14 3.96
N PHE A 323 -19.59 1.44 5.13
CA PHE A 323 -19.73 2.74 5.74
C PHE A 323 -19.24 3.82 4.79
N ASP A 324 -18.30 3.45 3.89
CA ASP A 324 -17.64 4.41 3.03
C ASP A 324 -18.59 4.81 1.91
N ARG A 325 -19.48 3.88 1.53
CA ARG A 325 -20.47 4.07 0.46
C ARG A 325 -21.51 5.13 0.85
N GLU A 326 -21.69 5.41 2.15
CA GLU A 326 -22.80 6.21 2.66
C GLU A 326 -22.59 7.70 2.39
N ALA A 327 -23.71 8.41 2.24
CA ALA A 327 -23.68 9.83 1.91
C ALA A 327 -23.89 10.62 3.21
N LEU A 328 -22.77 11.05 3.82
CA LEU A 328 -22.80 11.73 5.10
C LEU A 328 -22.32 13.16 4.92
N THR A 329 -22.97 14.10 5.63
CA THR A 329 -22.52 15.48 5.72
C THR A 329 -21.26 15.59 6.58
N ARG A 330 -20.59 16.73 6.54
CA ARG A 330 -19.34 16.86 7.27
C ARG A 330 -19.57 16.61 8.75
N GLU A 331 -20.72 17.06 9.26
CA GLU A 331 -21.02 17.07 10.67
C GLU A 331 -21.28 15.63 11.15
N ARG A 332 -21.93 14.82 10.29
CA ARG A 332 -22.05 13.38 10.52
C ARG A 332 -20.72 12.64 10.44
N ILE A 333 -19.80 13.11 9.60
CA ILE A 333 -18.53 12.43 9.49
C ILE A 333 -17.72 12.76 10.75
N LYS A 334 -17.88 13.99 11.25
CA LYS A 334 -17.24 14.38 12.49
C LYS A 334 -17.69 13.46 13.63
N GLU A 335 -19.01 13.25 13.73
CA GLU A 335 -19.53 12.39 14.76
C GLU A 335 -18.94 10.99 14.63
N ALA A 336 -18.89 10.49 13.40
CA ALA A 336 -18.50 9.10 13.18
C ALA A 336 -17.06 8.91 13.63
N ILE A 337 -16.25 9.95 13.38
CA ILE A 337 -14.84 9.94 13.73
C ILE A 337 -14.71 10.01 15.25
N VAL A 338 -15.49 10.90 15.87
CA VAL A 338 -15.47 10.99 17.32
C VAL A 338 -15.90 9.66 17.94
N ALA A 339 -16.89 8.99 17.35
CA ALA A 339 -17.29 7.69 17.85
C ALA A 339 -16.11 6.73 17.82
N GLU A 340 -15.27 6.86 16.79
CA GLU A 340 -14.15 5.93 16.65
C GLU A 340 -13.12 6.22 17.74
N ILE A 341 -13.00 7.49 18.14
CA ILE A 341 -12.07 7.85 19.20
C ILE A 341 -12.60 7.31 20.53
N GLU A 342 -13.91 7.44 20.75
CA GLU A 342 -14.51 6.91 21.97
C GLU A 342 -14.37 5.40 22.01
N ASP A 343 -14.63 4.71 20.90
CA ASP A 343 -14.58 3.25 20.78
C ASP A 343 -13.17 2.73 21.05
N PHE A 344 -12.19 3.50 20.59
CA PHE A 344 -10.81 3.14 20.77
C PHE A 344 -10.52 3.01 22.27
N HIS A 345 -10.98 4.00 23.02
CA HIS A 345 -10.65 4.12 24.44
C HIS A 345 -11.52 3.20 25.26
N ALA A 346 -12.75 2.96 24.80
CA ALA A 346 -13.66 2.05 25.48
C ALA A 346 -13.10 0.63 25.46
N ARG A 347 -12.57 0.25 24.29
CA ARG A 347 -12.06 -1.09 24.03
C ARG A 347 -10.81 -1.34 24.85
N ARG A 348 -10.06 -0.28 25.21
CA ARG A 348 -8.89 -0.43 26.06
C ARG A 348 -9.30 -0.43 27.55
N GLU A 349 -10.05 0.61 27.96
CA GLU A 349 -10.26 0.96 29.35
C GLU A 349 -11.76 0.82 29.68
C4 86E B . 6.76 8.05 11.32
C14 86E B . 2.97 7.20 6.33
C5 86E B . 5.44 7.58 10.86
C6 86E B . 4.73 7.75 9.71
C11 86E B . 2.54 9.92 6.60
C7 86E B . 3.55 7.00 9.82
C8 86E B . 2.49 6.89 8.77
C9 86E B . 2.61 7.72 7.56
C10 86E B . 2.41 9.08 7.68
C12 86E B . 2.90 9.40 5.38
C13 86E B . 3.12 8.03 5.25
N1 86E B . 10.13 9.78 8.86
N2 86E B . 7.19 9.20 10.74
C3 86E B . 8.48 9.46 10.23
N3 86E B . 4.72 6.77 11.68
C1 86E B . 10.99 9.94 7.70
C2 86E B . 8.83 9.45 8.90
O1 86E B . 7.40 7.43 12.16
O2 86E B . 1.52 6.13 8.89
CL1 86E B . 1.98 9.75 9.22
CL2 86E B . 3.56 7.37 3.73
F1 86E B . 3.20 5.88 6.16
C15 86E B . 3.59 6.42 11.07
C16 86E B . 9.63 9.80 10.95
N4 86E B . 10.62 10.00 10.11
#